data_2ESX
# 
_entry.id   2ESX 
# 
_audit_conform.dict_name       mmcif_pdbx.dic 
_audit_conform.dict_version    5.392 
_audit_conform.dict_location   http://mmcif.pdb.org/dictionaries/ascii/mmcif_pdbx.dic 
# 
loop_
_database_2.database_id 
_database_2.database_code 
_database_2.pdbx_database_accession 
_database_2.pdbx_DOI 
PDB   2ESX         pdb_00002esx 10.2210/pdb2esx/pdb 
RCSB  RCSB035052   ?            ?                   
WWPDB D_1000035052 ?            ?                   
# 
loop_
_pdbx_audit_revision_history.ordinal 
_pdbx_audit_revision_history.data_content_type 
_pdbx_audit_revision_history.major_revision 
_pdbx_audit_revision_history.minor_revision 
_pdbx_audit_revision_history.revision_date 
1 'Structure model' 1 0 2006-09-19 
2 'Structure model' 1 1 2008-05-01 
3 'Structure model' 1 2 2011-07-13 
4 'Structure model' 1 3 2022-03-09 
5 'Structure model' 1 4 2024-05-22 
# 
_pdbx_audit_revision_details.ordinal             1 
_pdbx_audit_revision_details.revision_ordinal    1 
_pdbx_audit_revision_details.data_content_type   'Structure model' 
_pdbx_audit_revision_details.provider            repository 
_pdbx_audit_revision_details.type                'Initial release' 
_pdbx_audit_revision_details.description         ? 
_pdbx_audit_revision_details.details             ? 
# 
loop_
_pdbx_audit_revision_group.ordinal 
_pdbx_audit_revision_group.revision_ordinal 
_pdbx_audit_revision_group.data_content_type 
_pdbx_audit_revision_group.group 
1 2 'Structure model' 'Version format compliance' 
2 3 'Structure model' 'Version format compliance' 
3 4 'Structure model' 'Data collection'           
4 4 'Structure model' 'Database references'       
5 4 'Structure model' 'Derived calculations'      
6 5 'Structure model' 'Data collection'           
# 
loop_
_pdbx_audit_revision_category.ordinal 
_pdbx_audit_revision_category.revision_ordinal 
_pdbx_audit_revision_category.data_content_type 
_pdbx_audit_revision_category.category 
1 4 'Structure model' database_2            
2 4 'Structure model' pdbx_nmr_software     
3 4 'Structure model' pdbx_struct_assembly  
4 4 'Structure model' pdbx_struct_oper_list 
5 5 'Structure model' chem_comp_atom        
6 5 'Structure model' chem_comp_bond        
# 
loop_
_pdbx_audit_revision_item.ordinal 
_pdbx_audit_revision_item.revision_ordinal 
_pdbx_audit_revision_item.data_content_type 
_pdbx_audit_revision_item.item 
1 4 'Structure model' '_database_2.pdbx_DOI'                
2 4 'Structure model' '_database_2.pdbx_database_accession' 
3 4 'Structure model' '_pdbx_nmr_software.name'             
# 
_pdbx_database_status.status_code                     REL 
_pdbx_database_status.entry_id                        2ESX 
_pdbx_database_status.recvd_initial_deposition_date   2005-10-27 
_pdbx_database_status.deposit_site                    RCSB 
_pdbx_database_status.process_site                    RCSB 
_pdbx_database_status.status_code_sf                  ? 
_pdbx_database_status.status_code_mr                  ? 
_pdbx_database_status.SG_entry                        ? 
_pdbx_database_status.pdb_format_compatible           Y 
_pdbx_database_status.status_code_cs                  ? 
_pdbx_database_status.status_code_nmr_data            ? 
_pdbx_database_status.methods_development_category    ? 
# 
_pdbx_database_related.db_name        PDB 
_pdbx_database_related.db_id          2ESZ 
_pdbx_database_related.details        'ensemble structure' 
_pdbx_database_related.content_type   unspecified 
# 
loop_
_audit_author.name 
_audit_author.pdbx_ordinal 
'Rosen, O.'     1 
'Sharon, M.'    2 
'Samson, A.O.'  3 
'Quadt, S.R.'   4 
'Anglister, J.' 5 
# 
_citation.id                        primary 
_citation.title                     
'Molecular switch for alternative conformations of the HIV-1 V3 region: Implications for phenotype conversion.' 
_citation.journal_abbrev            Proc.Natl.Acad.Sci.Usa 
_citation.journal_volume            13 
_citation.page_first                13950 
_citation.page_last                 13955 
_citation.year                      2006 
_citation.journal_id_ASTM           PNASA6 
_citation.country                   US 
_citation.journal_id_ISSN           0027-8424 
_citation.journal_id_CSD            0040 
_citation.book_publisher            ? 
_citation.pdbx_database_id_PubMed   16966601 
_citation.pdbx_database_id_DOI      10.1073/pnas.0606312103 
# 
loop_
_citation_author.citation_id 
_citation_author.name 
_citation_author.ordinal 
_citation_author.identifier_ORCID 
primary 'Rosen, O.'            1 ? 
primary 'Sharon, M.'           2 ? 
primary 'Quadt-Akabayov, S.R.' 3 ? 
primary 'Anglister, J.'        4 ? 
# 
_entity.id                         1 
_entity.type                       polymer 
_entity.src_method                 man 
_entity.pdbx_description           'Envelope polyprotein GP160' 
_entity.formula_weight             2108.401 
_entity.pdbx_number_of_molecules   1 
_entity.pdbx_ec                    ? 
_entity.pdbx_mutation              ? 
_entity.pdbx_fragment              'V3 of GP120' 
_entity.details                    ? 
# 
_entity_poly.entity_id                      1 
_entity_poly.type                           'polypeptide(L)' 
_entity_poly.nstd_linkage                   no 
_entity_poly.nstd_monomer                   no 
_entity_poly.pdbx_seq_one_letter_code       TRKSIHIGPGRAFYTTGEI 
_entity_poly.pdbx_seq_one_letter_code_can   TRKSIHIGPGRAFYTTGEI 
_entity_poly.pdbx_strand_id                 A 
_entity_poly.pdbx_target_identifier         ? 
# 
loop_
_entity_poly_seq.entity_id 
_entity_poly_seq.num 
_entity_poly_seq.mon_id 
_entity_poly_seq.hetero 
1 1  THR n 
1 2  ARG n 
1 3  LYS n 
1 4  SER n 
1 5  ILE n 
1 6  HIS n 
1 7  ILE n 
1 8  GLY n 
1 9  PRO n 
1 10 GLY n 
1 11 ARG n 
1 12 ALA n 
1 13 PHE n 
1 14 TYR n 
1 15 THR n 
1 16 THR n 
1 17 GLY n 
1 18 GLU n 
1 19 ILE n 
# 
_entity_src_gen.entity_id                          1 
_entity_src_gen.pdbx_src_id                        1 
_entity_src_gen.pdbx_alt_source_flag               sample 
_entity_src_gen.pdbx_seq_type                      ? 
_entity_src_gen.pdbx_beg_seq_num                   ? 
_entity_src_gen.pdbx_end_seq_num                   ? 
_entity_src_gen.gene_src_common_name               ? 
_entity_src_gen.gene_src_genus                     Lentivirus 
_entity_src_gen.pdbx_gene_src_gene                 ENV 
_entity_src_gen.gene_src_species                   ? 
_entity_src_gen.gene_src_strain                    JR-FL 
_entity_src_gen.gene_src_tissue                    ? 
_entity_src_gen.gene_src_tissue_fraction           ? 
_entity_src_gen.gene_src_details                   ? 
_entity_src_gen.pdbx_gene_src_fragment             ? 
_entity_src_gen.pdbx_gene_src_scientific_name      'Human immunodeficiency virus 1' 
_entity_src_gen.pdbx_gene_src_ncbi_taxonomy_id     11676 
_entity_src_gen.pdbx_gene_src_variant              ? 
_entity_src_gen.pdbx_gene_src_cell_line            ? 
_entity_src_gen.pdbx_gene_src_atcc                 ? 
_entity_src_gen.pdbx_gene_src_organ                ? 
_entity_src_gen.pdbx_gene_src_organelle            ? 
_entity_src_gen.pdbx_gene_src_cell                 ? 
_entity_src_gen.pdbx_gene_src_cellular_location    ? 
_entity_src_gen.host_org_common_name               ? 
_entity_src_gen.pdbx_host_org_scientific_name      'Escherichia coli' 
_entity_src_gen.pdbx_host_org_ncbi_taxonomy_id     562 
_entity_src_gen.host_org_genus                     Escherichia 
_entity_src_gen.pdbx_host_org_gene                 ? 
_entity_src_gen.pdbx_host_org_organ                ? 
_entity_src_gen.host_org_species                   ? 
_entity_src_gen.pdbx_host_org_tissue               ? 
_entity_src_gen.pdbx_host_org_tissue_fraction      ? 
_entity_src_gen.pdbx_host_org_strain               'BL21-Gold(DE3)pLysS' 
_entity_src_gen.pdbx_host_org_variant              ? 
_entity_src_gen.pdbx_host_org_cell_line            ? 
_entity_src_gen.pdbx_host_org_atcc                 ? 
_entity_src_gen.pdbx_host_org_culture_collection   ? 
_entity_src_gen.pdbx_host_org_cell                 ? 
_entity_src_gen.pdbx_host_org_organelle            ? 
_entity_src_gen.pdbx_host_org_cellular_location    ? 
_entity_src_gen.pdbx_host_org_vector_type          pM104 
_entity_src_gen.pdbx_host_org_vector               ? 
_entity_src_gen.host_org_details                   ? 
_entity_src_gen.expression_system_id               ? 
_entity_src_gen.plasmid_name                       pM4-V3JRFL 
_entity_src_gen.plasmid_details                    ? 
_entity_src_gen.pdbx_description                   ? 
# 
loop_
_chem_comp.id 
_chem_comp.type 
_chem_comp.mon_nstd_flag 
_chem_comp.name 
_chem_comp.pdbx_synonyms 
_chem_comp.formula 
_chem_comp.formula_weight 
ALA 'L-peptide linking' y ALANINE         ? 'C3 H7 N O2'     89.093  
ARG 'L-peptide linking' y ARGININE        ? 'C6 H15 N4 O2 1' 175.209 
GLU 'L-peptide linking' y 'GLUTAMIC ACID' ? 'C5 H9 N O4'     147.129 
GLY 'peptide linking'   y GLYCINE         ? 'C2 H5 N O2'     75.067  
HIS 'L-peptide linking' y HISTIDINE       ? 'C6 H10 N3 O2 1' 156.162 
ILE 'L-peptide linking' y ISOLEUCINE      ? 'C6 H13 N O2'    131.173 
LYS 'L-peptide linking' y LYSINE          ? 'C6 H15 N2 O2 1' 147.195 
PHE 'L-peptide linking' y PHENYLALANINE   ? 'C9 H11 N O2'    165.189 
PRO 'L-peptide linking' y PROLINE         ? 'C5 H9 N O2'     115.130 
SER 'L-peptide linking' y SERINE          ? 'C3 H7 N O3'     105.093 
THR 'L-peptide linking' y THREONINE       ? 'C4 H9 N O3'     119.119 
TYR 'L-peptide linking' y TYROSINE        ? 'C9 H11 N O3'    181.189 
# 
loop_
_pdbx_poly_seq_scheme.asym_id 
_pdbx_poly_seq_scheme.entity_id 
_pdbx_poly_seq_scheme.seq_id 
_pdbx_poly_seq_scheme.mon_id 
_pdbx_poly_seq_scheme.ndb_seq_num 
_pdbx_poly_seq_scheme.pdb_seq_num 
_pdbx_poly_seq_scheme.auth_seq_num 
_pdbx_poly_seq_scheme.pdb_mon_id 
_pdbx_poly_seq_scheme.auth_mon_id 
_pdbx_poly_seq_scheme.pdb_strand_id 
_pdbx_poly_seq_scheme.pdb_ins_code 
_pdbx_poly_seq_scheme.hetero 
A 1 1  THR 1  3  3  THR THR A . n 
A 1 2  ARG 2  4  4  ARG ARG A . n 
A 1 3  LYS 3  5  5  LYS LYS A . n 
A 1 4  SER 4  6  6  SER SER A . n 
A 1 5  ILE 5  7  7  ILE ILE A . n 
A 1 6  HIS 6  8  8  HIS HIS A . n 
A 1 7  ILE 7  9  9  ILE ILE A . n 
A 1 8  GLY 8  10 10 GLY GLY A . n 
A 1 9  PRO 9  11 11 PRO PRO A . n 
A 1 10 GLY 10 12 12 GLY GLY A . n 
A 1 11 ARG 11 13 13 ARG ARG A . n 
A 1 12 ALA 12 14 14 ALA ALA A . n 
A 1 13 PHE 13 15 15 PHE PHE A . n 
A 1 14 TYR 14 16 16 TYR TYR A . n 
A 1 15 THR 15 17 17 THR THR A . n 
A 1 16 THR 16 18 18 THR THR A . n 
A 1 17 GLY 17 19 19 GLY GLY A . n 
A 1 18 GLU 18 20 20 GLU GLU A . n 
A 1 19 ILE 19 21 21 ILE ILE A . n 
# 
_exptl.entry_id          2ESX 
_exptl.method            'SOLUTION NMR' 
_exptl.crystals_number   ? 
# 
_exptl_crystal.id                    1 
_exptl_crystal.density_meas          ? 
_exptl_crystal.density_Matthews      ? 
_exptl_crystal.density_percent_sol   ? 
_exptl_crystal.description           ? 
# 
_diffrn.id                     1 
_diffrn.ambient_temp           ? 
_diffrn.ambient_temp_details   ? 
_diffrn.crystal_id             1 
# 
_diffrn_radiation.diffrn_id                        1 
_diffrn_radiation.wavelength_id                    1 
_diffrn_radiation.monochromator                    ? 
_diffrn_radiation.pdbx_monochromatic_or_laue_m_l   M 
_diffrn_radiation.pdbx_diffrn_protocol             'SINGLE WAVELENGTH' 
_diffrn_radiation.pdbx_scattering_type             ? 
# 
_diffrn_radiation_wavelength.id           1 
_diffrn_radiation_wavelength.wavelength   . 
_diffrn_radiation_wavelength.wt           1.0 
# 
_struct.entry_id                  2ESX 
_struct.title                     'The structure of the V3 region within gp120 of JR-FL HIV-1 strain (minimized average structure)' 
_struct.pdbx_model_details        ? 
_struct.pdbx_CASP_flag            ? 
_struct.pdbx_model_type_details   'minimized average' 
# 
_struct_keywords.entry_id        2ESX 
_struct_keywords.pdbx_keywords   'VIRAL PROTEIN' 
_struct_keywords.text            'HIV-1, JR-FL, V3, 447-52D, antibody, VIRAL PROTEIN' 
# 
_struct_asym.id                            A 
_struct_asym.pdbx_blank_PDB_chainid_flag   N 
_struct_asym.pdbx_modified                 N 
_struct_asym.entity_id                     1 
_struct_asym.details                       ? 
# 
_struct_ref.id                         1 
_struct_ref.db_name                    UNP 
_struct_ref.db_code                    ENV_HV1JR 
_struct_ref.pdbx_db_accession          P20871 
_struct_ref.entity_id                  1 
_struct_ref.pdbx_seq_one_letter_code   TRKSIHIGPGRAFYTTGEI 
_struct_ref.pdbx_align_begin           301 
_struct_ref.pdbx_db_isoform            ? 
# 
_struct_ref_seq.align_id                      1 
_struct_ref_seq.ref_id                        1 
_struct_ref_seq.pdbx_PDB_id_code              2ESX 
_struct_ref_seq.pdbx_strand_id                A 
_struct_ref_seq.seq_align_beg                 1 
_struct_ref_seq.pdbx_seq_align_beg_ins_code   ? 
_struct_ref_seq.seq_align_end                 19 
_struct_ref_seq.pdbx_seq_align_end_ins_code   ? 
_struct_ref_seq.pdbx_db_accession             P20871 
_struct_ref_seq.db_align_beg                  301 
_struct_ref_seq.pdbx_db_align_beg_ins_code    ? 
_struct_ref_seq.db_align_end                  319 
_struct_ref_seq.pdbx_db_align_end_ins_code    ? 
_struct_ref_seq.pdbx_auth_seq_align_beg       3 
_struct_ref_seq.pdbx_auth_seq_align_end       21 
# 
_pdbx_struct_assembly.id                   1 
_pdbx_struct_assembly.details              author_defined_assembly 
_pdbx_struct_assembly.method_details       ? 
_pdbx_struct_assembly.oligomeric_details   monomeric 
_pdbx_struct_assembly.oligomeric_count     1 
# 
_pdbx_struct_assembly_gen.assembly_id       1 
_pdbx_struct_assembly_gen.oper_expression   1 
_pdbx_struct_assembly_gen.asym_id_list      A 
# 
_pdbx_struct_oper_list.id                   1 
_pdbx_struct_oper_list.type                 'identity operation' 
_pdbx_struct_oper_list.name                 1_555 
_pdbx_struct_oper_list.symmetry_operation   x,y,z 
_pdbx_struct_oper_list.matrix[1][1]         1.0000000000 
_pdbx_struct_oper_list.matrix[1][2]         0.0000000000 
_pdbx_struct_oper_list.matrix[1][3]         0.0000000000 
_pdbx_struct_oper_list.vector[1]            0.0000000000 
_pdbx_struct_oper_list.matrix[2][1]         0.0000000000 
_pdbx_struct_oper_list.matrix[2][2]         1.0000000000 
_pdbx_struct_oper_list.matrix[2][3]         0.0000000000 
_pdbx_struct_oper_list.vector[2]            0.0000000000 
_pdbx_struct_oper_list.matrix[3][1]         0.0000000000 
_pdbx_struct_oper_list.matrix[3][2]         0.0000000000 
_pdbx_struct_oper_list.matrix[3][3]         1.0000000000 
_pdbx_struct_oper_list.vector[3]            0.0000000000 
# 
_struct_biol.id        1 
_struct_biol.details   ? 
# 
_struct_sheet.id               A 
_struct_sheet.type             ? 
_struct_sheet.number_strands   2 
_struct_sheet.details          ? 
# 
_struct_sheet_order.sheet_id     A 
_struct_sheet_order.range_id_1   1 
_struct_sheet_order.range_id_2   2 
_struct_sheet_order.offset       ? 
_struct_sheet_order.sense        anti-parallel 
# 
loop_
_struct_sheet_range.sheet_id 
_struct_sheet_range.id 
_struct_sheet_range.beg_label_comp_id 
_struct_sheet_range.beg_label_asym_id 
_struct_sheet_range.beg_label_seq_id 
_struct_sheet_range.pdbx_beg_PDB_ins_code 
_struct_sheet_range.end_label_comp_id 
_struct_sheet_range.end_label_asym_id 
_struct_sheet_range.end_label_seq_id 
_struct_sheet_range.pdbx_end_PDB_ins_code 
_struct_sheet_range.beg_auth_comp_id 
_struct_sheet_range.beg_auth_asym_id 
_struct_sheet_range.beg_auth_seq_id 
_struct_sheet_range.end_auth_comp_id 
_struct_sheet_range.end_auth_asym_id 
_struct_sheet_range.end_auth_seq_id 
A 1 SER A 4  ? ILE A 5  ? SER A 6  ILE A 7  
A 2 THR A 15 ? THR A 16 ? THR A 17 THR A 18 
# 
_pdbx_struct_sheet_hbond.sheet_id                A 
_pdbx_struct_sheet_hbond.range_id_1              1 
_pdbx_struct_sheet_hbond.range_id_2              2 
_pdbx_struct_sheet_hbond.range_1_label_atom_id   N 
_pdbx_struct_sheet_hbond.range_1_label_comp_id   SER 
_pdbx_struct_sheet_hbond.range_1_label_asym_id   A 
_pdbx_struct_sheet_hbond.range_1_label_seq_id    4 
_pdbx_struct_sheet_hbond.range_1_PDB_ins_code    ? 
_pdbx_struct_sheet_hbond.range_1_auth_atom_id    N 
_pdbx_struct_sheet_hbond.range_1_auth_comp_id    SER 
_pdbx_struct_sheet_hbond.range_1_auth_asym_id    A 
_pdbx_struct_sheet_hbond.range_1_auth_seq_id     6 
_pdbx_struct_sheet_hbond.range_2_label_atom_id   O 
_pdbx_struct_sheet_hbond.range_2_label_comp_id   THR 
_pdbx_struct_sheet_hbond.range_2_label_asym_id   A 
_pdbx_struct_sheet_hbond.range_2_label_seq_id    16 
_pdbx_struct_sheet_hbond.range_2_PDB_ins_code    ? 
_pdbx_struct_sheet_hbond.range_2_auth_atom_id    O 
_pdbx_struct_sheet_hbond.range_2_auth_comp_id    THR 
_pdbx_struct_sheet_hbond.range_2_auth_asym_id    A 
_pdbx_struct_sheet_hbond.range_2_auth_seq_id     18 
# 
loop_
_pdbx_validate_torsion.id 
_pdbx_validate_torsion.PDB_model_num 
_pdbx_validate_torsion.auth_comp_id 
_pdbx_validate_torsion.auth_asym_id 
_pdbx_validate_torsion.auth_seq_id 
_pdbx_validate_torsion.PDB_ins_code 
_pdbx_validate_torsion.label_alt_id 
_pdbx_validate_torsion.phi 
_pdbx_validate_torsion.psi 
1 1 ARG A 4  ? ? -134.90 -56.26 
2 1 LYS A 5  ? ? 168.18  179.96 
3 1 GLU A 20 ? ? -92.46  53.25  
# 
_pdbx_nmr_ensemble.entry_id                                      2ESX 
_pdbx_nmr_ensemble.conformers_calculated_total_number            ? 
_pdbx_nmr_ensemble.conformers_submitted_total_number             1 
_pdbx_nmr_ensemble.conformer_selection_criteria                  ? 
_pdbx_nmr_ensemble.average_constraints_per_residue               ? 
_pdbx_nmr_ensemble.average_constraint_violations_per_residue     ? 
_pdbx_nmr_ensemble.maximum_distance_constraint_violation         ? 
_pdbx_nmr_ensemble.average_distance_constraint_violation         ? 
_pdbx_nmr_ensemble.maximum_upper_distance_constraint_violation   ? 
_pdbx_nmr_ensemble.maximum_lower_distance_constraint_violation   ? 
_pdbx_nmr_ensemble.distance_constraint_violation_method          ? 
_pdbx_nmr_ensemble.maximum_torsion_angle_constraint_violation    ? 
_pdbx_nmr_ensemble.average_torsion_angle_constraint_violation    ? 
_pdbx_nmr_ensemble.torsion_angle_constraint_violation_method     ? 
# 
_pdbx_nmr_representative.entry_id             2ESX 
_pdbx_nmr_representative.conformer_id         1 
_pdbx_nmr_representative.selection_criteria   'minimized average structure' 
# 
loop_
_pdbx_nmr_sample_details.solution_id 
_pdbx_nmr_sample_details.contents 
_pdbx_nmr_sample_details.solvent_system 
1 
;0.4mM V3JR-FL-447-52D complex 
U-15N
;
'5% D2O, 95% H2O' 
2 
;0.4mM V3JR-FL-447-52D complex 
U-15N-13C
;
'5% D2O, 95% H2O' 
3 
;0.4mM V3JR-FL-447-52D complex 
U-15N-13C
;
'100% D2O'        
# 
_pdbx_nmr_exptl_sample_conditions.conditions_id       1 
_pdbx_nmr_exptl_sample_conditions.temperature         305 
_pdbx_nmr_exptl_sample_conditions.pressure            ? 
_pdbx_nmr_exptl_sample_conditions.pH                  5 
_pdbx_nmr_exptl_sample_conditions.ionic_strength      '10mM acetic acid' 
_pdbx_nmr_exptl_sample_conditions.pressure_units      . 
_pdbx_nmr_exptl_sample_conditions.temperature_units   K 
# 
loop_
_pdbx_nmr_exptl.experiment_id 
_pdbx_nmr_exptl.conditions_id 
_pdbx_nmr_exptl.type 
_pdbx_nmr_exptl.solution_id 
1 1 3D_13C-separated_NOESY 2 
2 1 3D_15N-separated_NOESY 1 
3 1 HNHA                   1 
4 1 '2D-NOESY AROMATIC'    3 
# 
_pdbx_nmr_refine.entry_id           2ESX 
_pdbx_nmr_refine.method             'distance geometry simulated annealing' 
_pdbx_nmr_refine.details            'The strcuture is based on 305 restraints, 25 dihedral angles and 2 hydrogen bond' 
_pdbx_nmr_refine.software_ordinal   1 
# 
loop_
_pdbx_nmr_software.classification 
_pdbx_nmr_software.name 
_pdbx_nmr_software.version 
_pdbx_nmr_software.authors 
_pdbx_nmr_software.ordinal 
'structure solution' CNS     1.1   Brunger 1 
collection           XwinNMR 3.0   Bruker  2 
'data analysis'      NMRView 5.2.2 Johnson 3 
refinement           CNS     1.1   Brunger 4 
# 
loop_
_chem_comp_atom.comp_id 
_chem_comp_atom.atom_id 
_chem_comp_atom.type_symbol 
_chem_comp_atom.pdbx_aromatic_flag 
_chem_comp_atom.pdbx_stereo_config 
_chem_comp_atom.pdbx_ordinal 
ALA N    N N N 1   
ALA CA   C N S 2   
ALA C    C N N 3   
ALA O    O N N 4   
ALA CB   C N N 5   
ALA OXT  O N N 6   
ALA H    H N N 7   
ALA H2   H N N 8   
ALA HA   H N N 9   
ALA HB1  H N N 10  
ALA HB2  H N N 11  
ALA HB3  H N N 12  
ALA HXT  H N N 13  
ARG N    N N N 14  
ARG CA   C N S 15  
ARG C    C N N 16  
ARG O    O N N 17  
ARG CB   C N N 18  
ARG CG   C N N 19  
ARG CD   C N N 20  
ARG NE   N N N 21  
ARG CZ   C N N 22  
ARG NH1  N N N 23  
ARG NH2  N N N 24  
ARG OXT  O N N 25  
ARG H    H N N 26  
ARG H2   H N N 27  
ARG HA   H N N 28  
ARG HB2  H N N 29  
ARG HB3  H N N 30  
ARG HG2  H N N 31  
ARG HG3  H N N 32  
ARG HD2  H N N 33  
ARG HD3  H N N 34  
ARG HE   H N N 35  
ARG HH11 H N N 36  
ARG HH12 H N N 37  
ARG HH21 H N N 38  
ARG HH22 H N N 39  
ARG HXT  H N N 40  
GLU N    N N N 41  
GLU CA   C N S 42  
GLU C    C N N 43  
GLU O    O N N 44  
GLU CB   C N N 45  
GLU CG   C N N 46  
GLU CD   C N N 47  
GLU OE1  O N N 48  
GLU OE2  O N N 49  
GLU OXT  O N N 50  
GLU H    H N N 51  
GLU H2   H N N 52  
GLU HA   H N N 53  
GLU HB2  H N N 54  
GLU HB3  H N N 55  
GLU HG2  H N N 56  
GLU HG3  H N N 57  
GLU HE2  H N N 58  
GLU HXT  H N N 59  
GLY N    N N N 60  
GLY CA   C N N 61  
GLY C    C N N 62  
GLY O    O N N 63  
GLY OXT  O N N 64  
GLY H    H N N 65  
GLY H2   H N N 66  
GLY HA2  H N N 67  
GLY HA3  H N N 68  
GLY HXT  H N N 69  
HIS N    N N N 70  
HIS CA   C N S 71  
HIS C    C N N 72  
HIS O    O N N 73  
HIS CB   C N N 74  
HIS CG   C Y N 75  
HIS ND1  N Y N 76  
HIS CD2  C Y N 77  
HIS CE1  C Y N 78  
HIS NE2  N Y N 79  
HIS OXT  O N N 80  
HIS H    H N N 81  
HIS H2   H N N 82  
HIS HA   H N N 83  
HIS HB2  H N N 84  
HIS HB3  H N N 85  
HIS HD1  H N N 86  
HIS HD2  H N N 87  
HIS HE1  H N N 88  
HIS HE2  H N N 89  
HIS HXT  H N N 90  
ILE N    N N N 91  
ILE CA   C N S 92  
ILE C    C N N 93  
ILE O    O N N 94  
ILE CB   C N S 95  
ILE CG1  C N N 96  
ILE CG2  C N N 97  
ILE CD1  C N N 98  
ILE OXT  O N N 99  
ILE H    H N N 100 
ILE H2   H N N 101 
ILE HA   H N N 102 
ILE HB   H N N 103 
ILE HG12 H N N 104 
ILE HG13 H N N 105 
ILE HG21 H N N 106 
ILE HG22 H N N 107 
ILE HG23 H N N 108 
ILE HD11 H N N 109 
ILE HD12 H N N 110 
ILE HD13 H N N 111 
ILE HXT  H N N 112 
LYS N    N N N 113 
LYS CA   C N S 114 
LYS C    C N N 115 
LYS O    O N N 116 
LYS CB   C N N 117 
LYS CG   C N N 118 
LYS CD   C N N 119 
LYS CE   C N N 120 
LYS NZ   N N N 121 
LYS OXT  O N N 122 
LYS H    H N N 123 
LYS H2   H N N 124 
LYS HA   H N N 125 
LYS HB2  H N N 126 
LYS HB3  H N N 127 
LYS HG2  H N N 128 
LYS HG3  H N N 129 
LYS HD2  H N N 130 
LYS HD3  H N N 131 
LYS HE2  H N N 132 
LYS HE3  H N N 133 
LYS HZ1  H N N 134 
LYS HZ2  H N N 135 
LYS HZ3  H N N 136 
LYS HXT  H N N 137 
PHE N    N N N 138 
PHE CA   C N S 139 
PHE C    C N N 140 
PHE O    O N N 141 
PHE CB   C N N 142 
PHE CG   C Y N 143 
PHE CD1  C Y N 144 
PHE CD2  C Y N 145 
PHE CE1  C Y N 146 
PHE CE2  C Y N 147 
PHE CZ   C Y N 148 
PHE OXT  O N N 149 
PHE H    H N N 150 
PHE H2   H N N 151 
PHE HA   H N N 152 
PHE HB2  H N N 153 
PHE HB3  H N N 154 
PHE HD1  H N N 155 
PHE HD2  H N N 156 
PHE HE1  H N N 157 
PHE HE2  H N N 158 
PHE HZ   H N N 159 
PHE HXT  H N N 160 
PRO N    N N N 161 
PRO CA   C N S 162 
PRO C    C N N 163 
PRO O    O N N 164 
PRO CB   C N N 165 
PRO CG   C N N 166 
PRO CD   C N N 167 
PRO OXT  O N N 168 
PRO H    H N N 169 
PRO HA   H N N 170 
PRO HB2  H N N 171 
PRO HB3  H N N 172 
PRO HG2  H N N 173 
PRO HG3  H N N 174 
PRO HD2  H N N 175 
PRO HD3  H N N 176 
PRO HXT  H N N 177 
SER N    N N N 178 
SER CA   C N S 179 
SER C    C N N 180 
SER O    O N N 181 
SER CB   C N N 182 
SER OG   O N N 183 
SER OXT  O N N 184 
SER H    H N N 185 
SER H2   H N N 186 
SER HA   H N N 187 
SER HB2  H N N 188 
SER HB3  H N N 189 
SER HG   H N N 190 
SER HXT  H N N 191 
THR N    N N N 192 
THR CA   C N S 193 
THR C    C N N 194 
THR O    O N N 195 
THR CB   C N R 196 
THR OG1  O N N 197 
THR CG2  C N N 198 
THR OXT  O N N 199 
THR H    H N N 200 
THR H2   H N N 201 
THR HA   H N N 202 
THR HB   H N N 203 
THR HG1  H N N 204 
THR HG21 H N N 205 
THR HG22 H N N 206 
THR HG23 H N N 207 
THR HXT  H N N 208 
TYR N    N N N 209 
TYR CA   C N S 210 
TYR C    C N N 211 
TYR O    O N N 212 
TYR CB   C N N 213 
TYR CG   C Y N 214 
TYR CD1  C Y N 215 
TYR CD2  C Y N 216 
TYR CE1  C Y N 217 
TYR CE2  C Y N 218 
TYR CZ   C Y N 219 
TYR OH   O N N 220 
TYR OXT  O N N 221 
TYR H    H N N 222 
TYR H2   H N N 223 
TYR HA   H N N 224 
TYR HB2  H N N 225 
TYR HB3  H N N 226 
TYR HD1  H N N 227 
TYR HD2  H N N 228 
TYR HE1  H N N 229 
TYR HE2  H N N 230 
TYR HH   H N N 231 
TYR HXT  H N N 232 
# 
loop_
_chem_comp_bond.comp_id 
_chem_comp_bond.atom_id_1 
_chem_comp_bond.atom_id_2 
_chem_comp_bond.value_order 
_chem_comp_bond.pdbx_aromatic_flag 
_chem_comp_bond.pdbx_stereo_config 
_chem_comp_bond.pdbx_ordinal 
ALA N   CA   sing N N 1   
ALA N   H    sing N N 2   
ALA N   H2   sing N N 3   
ALA CA  C    sing N N 4   
ALA CA  CB   sing N N 5   
ALA CA  HA   sing N N 6   
ALA C   O    doub N N 7   
ALA C   OXT  sing N N 8   
ALA CB  HB1  sing N N 9   
ALA CB  HB2  sing N N 10  
ALA CB  HB3  sing N N 11  
ALA OXT HXT  sing N N 12  
ARG N   CA   sing N N 13  
ARG N   H    sing N N 14  
ARG N   H2   sing N N 15  
ARG CA  C    sing N N 16  
ARG CA  CB   sing N N 17  
ARG CA  HA   sing N N 18  
ARG C   O    doub N N 19  
ARG C   OXT  sing N N 20  
ARG CB  CG   sing N N 21  
ARG CB  HB2  sing N N 22  
ARG CB  HB3  sing N N 23  
ARG CG  CD   sing N N 24  
ARG CG  HG2  sing N N 25  
ARG CG  HG3  sing N N 26  
ARG CD  NE   sing N N 27  
ARG CD  HD2  sing N N 28  
ARG CD  HD3  sing N N 29  
ARG NE  CZ   sing N N 30  
ARG NE  HE   sing N N 31  
ARG CZ  NH1  sing N N 32  
ARG CZ  NH2  doub N N 33  
ARG NH1 HH11 sing N N 34  
ARG NH1 HH12 sing N N 35  
ARG NH2 HH21 sing N N 36  
ARG NH2 HH22 sing N N 37  
ARG OXT HXT  sing N N 38  
GLU N   CA   sing N N 39  
GLU N   H    sing N N 40  
GLU N   H2   sing N N 41  
GLU CA  C    sing N N 42  
GLU CA  CB   sing N N 43  
GLU CA  HA   sing N N 44  
GLU C   O    doub N N 45  
GLU C   OXT  sing N N 46  
GLU CB  CG   sing N N 47  
GLU CB  HB2  sing N N 48  
GLU CB  HB3  sing N N 49  
GLU CG  CD   sing N N 50  
GLU CG  HG2  sing N N 51  
GLU CG  HG3  sing N N 52  
GLU CD  OE1  doub N N 53  
GLU CD  OE2  sing N N 54  
GLU OE2 HE2  sing N N 55  
GLU OXT HXT  sing N N 56  
GLY N   CA   sing N N 57  
GLY N   H    sing N N 58  
GLY N   H2   sing N N 59  
GLY CA  C    sing N N 60  
GLY CA  HA2  sing N N 61  
GLY CA  HA3  sing N N 62  
GLY C   O    doub N N 63  
GLY C   OXT  sing N N 64  
GLY OXT HXT  sing N N 65  
HIS N   CA   sing N N 66  
HIS N   H    sing N N 67  
HIS N   H2   sing N N 68  
HIS CA  C    sing N N 69  
HIS CA  CB   sing N N 70  
HIS CA  HA   sing N N 71  
HIS C   O    doub N N 72  
HIS C   OXT  sing N N 73  
HIS CB  CG   sing N N 74  
HIS CB  HB2  sing N N 75  
HIS CB  HB3  sing N N 76  
HIS CG  ND1  sing Y N 77  
HIS CG  CD2  doub Y N 78  
HIS ND1 CE1  doub Y N 79  
HIS ND1 HD1  sing N N 80  
HIS CD2 NE2  sing Y N 81  
HIS CD2 HD2  sing N N 82  
HIS CE1 NE2  sing Y N 83  
HIS CE1 HE1  sing N N 84  
HIS NE2 HE2  sing N N 85  
HIS OXT HXT  sing N N 86  
ILE N   CA   sing N N 87  
ILE N   H    sing N N 88  
ILE N   H2   sing N N 89  
ILE CA  C    sing N N 90  
ILE CA  CB   sing N N 91  
ILE CA  HA   sing N N 92  
ILE C   O    doub N N 93  
ILE C   OXT  sing N N 94  
ILE CB  CG1  sing N N 95  
ILE CB  CG2  sing N N 96  
ILE CB  HB   sing N N 97  
ILE CG1 CD1  sing N N 98  
ILE CG1 HG12 sing N N 99  
ILE CG1 HG13 sing N N 100 
ILE CG2 HG21 sing N N 101 
ILE CG2 HG22 sing N N 102 
ILE CG2 HG23 sing N N 103 
ILE CD1 HD11 sing N N 104 
ILE CD1 HD12 sing N N 105 
ILE CD1 HD13 sing N N 106 
ILE OXT HXT  sing N N 107 
LYS N   CA   sing N N 108 
LYS N   H    sing N N 109 
LYS N   H2   sing N N 110 
LYS CA  C    sing N N 111 
LYS CA  CB   sing N N 112 
LYS CA  HA   sing N N 113 
LYS C   O    doub N N 114 
LYS C   OXT  sing N N 115 
LYS CB  CG   sing N N 116 
LYS CB  HB2  sing N N 117 
LYS CB  HB3  sing N N 118 
LYS CG  CD   sing N N 119 
LYS CG  HG2  sing N N 120 
LYS CG  HG3  sing N N 121 
LYS CD  CE   sing N N 122 
LYS CD  HD2  sing N N 123 
LYS CD  HD3  sing N N 124 
LYS CE  NZ   sing N N 125 
LYS CE  HE2  sing N N 126 
LYS CE  HE3  sing N N 127 
LYS NZ  HZ1  sing N N 128 
LYS NZ  HZ2  sing N N 129 
LYS NZ  HZ3  sing N N 130 
LYS OXT HXT  sing N N 131 
PHE N   CA   sing N N 132 
PHE N   H    sing N N 133 
PHE N   H2   sing N N 134 
PHE CA  C    sing N N 135 
PHE CA  CB   sing N N 136 
PHE CA  HA   sing N N 137 
PHE C   O    doub N N 138 
PHE C   OXT  sing N N 139 
PHE CB  CG   sing N N 140 
PHE CB  HB2  sing N N 141 
PHE CB  HB3  sing N N 142 
PHE CG  CD1  doub Y N 143 
PHE CG  CD2  sing Y N 144 
PHE CD1 CE1  sing Y N 145 
PHE CD1 HD1  sing N N 146 
PHE CD2 CE2  doub Y N 147 
PHE CD2 HD2  sing N N 148 
PHE CE1 CZ   doub Y N 149 
PHE CE1 HE1  sing N N 150 
PHE CE2 CZ   sing Y N 151 
PHE CE2 HE2  sing N N 152 
PHE CZ  HZ   sing N N 153 
PHE OXT HXT  sing N N 154 
PRO N   CA   sing N N 155 
PRO N   CD   sing N N 156 
PRO N   H    sing N N 157 
PRO CA  C    sing N N 158 
PRO CA  CB   sing N N 159 
PRO CA  HA   sing N N 160 
PRO C   O    doub N N 161 
PRO C   OXT  sing N N 162 
PRO CB  CG   sing N N 163 
PRO CB  HB2  sing N N 164 
PRO CB  HB3  sing N N 165 
PRO CG  CD   sing N N 166 
PRO CG  HG2  sing N N 167 
PRO CG  HG3  sing N N 168 
PRO CD  HD2  sing N N 169 
PRO CD  HD3  sing N N 170 
PRO OXT HXT  sing N N 171 
SER N   CA   sing N N 172 
SER N   H    sing N N 173 
SER N   H2   sing N N 174 
SER CA  C    sing N N 175 
SER CA  CB   sing N N 176 
SER CA  HA   sing N N 177 
SER C   O    doub N N 178 
SER C   OXT  sing N N 179 
SER CB  OG   sing N N 180 
SER CB  HB2  sing N N 181 
SER CB  HB3  sing N N 182 
SER OG  HG   sing N N 183 
SER OXT HXT  sing N N 184 
THR N   CA   sing N N 185 
THR N   H    sing N N 186 
THR N   H2   sing N N 187 
THR CA  C    sing N N 188 
THR CA  CB   sing N N 189 
THR CA  HA   sing N N 190 
THR C   O    doub N N 191 
THR C   OXT  sing N N 192 
THR CB  OG1  sing N N 193 
THR CB  CG2  sing N N 194 
THR CB  HB   sing N N 195 
THR OG1 HG1  sing N N 196 
THR CG2 HG21 sing N N 197 
THR CG2 HG22 sing N N 198 
THR CG2 HG23 sing N N 199 
THR OXT HXT  sing N N 200 
TYR N   CA   sing N N 201 
TYR N   H    sing N N 202 
TYR N   H2   sing N N 203 
TYR CA  C    sing N N 204 
TYR CA  CB   sing N N 205 
TYR CA  HA   sing N N 206 
TYR C   O    doub N N 207 
TYR C   OXT  sing N N 208 
TYR CB  CG   sing N N 209 
TYR CB  HB2  sing N N 210 
TYR CB  HB3  sing N N 211 
TYR CG  CD1  doub Y N 212 
TYR CG  CD2  sing Y N 213 
TYR CD1 CE1  sing Y N 214 
TYR CD1 HD1  sing N N 215 
TYR CD2 CE2  doub Y N 216 
TYR CD2 HD2  sing N N 217 
TYR CE1 CZ   doub Y N 218 
TYR CE1 HE1  sing N N 219 
TYR CE2 CZ   sing Y N 220 
TYR CE2 HE2  sing N N 221 
TYR CZ  OH   sing N N 222 
TYR OH  HH   sing N N 223 
TYR OXT HXT  sing N N 224 
# 
loop_
_pdbx_nmr_spectrometer.spectrometer_id 
_pdbx_nmr_spectrometer.model 
_pdbx_nmr_spectrometer.manufacturer 
_pdbx_nmr_spectrometer.field_strength 
_pdbx_nmr_spectrometer.type 
1 DMX Bruker 500 ? 
2 DRX Bruker 800 ? 
# 
_atom_sites.entry_id                    2ESX 
_atom_sites.fract_transf_matrix[1][1]   1.000000 
_atom_sites.fract_transf_matrix[1][2]   0.000000 
_atom_sites.fract_transf_matrix[1][3]   0.000000 
_atom_sites.fract_transf_matrix[2][1]   0.000000 
_atom_sites.fract_transf_matrix[2][2]   1.000000 
_atom_sites.fract_transf_matrix[2][3]   0.000000 
_atom_sites.fract_transf_matrix[3][1]   0.000000 
_atom_sites.fract_transf_matrix[3][2]   0.000000 
_atom_sites.fract_transf_matrix[3][3]   1.000000 
_atom_sites.fract_transf_vector[1]      0.00000 
_atom_sites.fract_transf_vector[2]      0.00000 
_atom_sites.fract_transf_vector[3]      0.00000 
# 
loop_
_atom_type.symbol 
C 
H 
N 
O 
# 
loop_
_atom_site.group_PDB 
_atom_site.id 
_atom_site.type_symbol 
_atom_site.label_atom_id 
_atom_site.label_alt_id 
_atom_site.label_comp_id 
_atom_site.label_asym_id 
_atom_site.label_entity_id 
_atom_site.label_seq_id 
_atom_site.pdbx_PDB_ins_code 
_atom_site.Cartn_x 
_atom_site.Cartn_y 
_atom_site.Cartn_z 
_atom_site.occupancy 
_atom_site.B_iso_or_equiv 
_atom_site.pdbx_formal_charge 
_atom_site.auth_seq_id 
_atom_site.auth_comp_id 
_atom_site.auth_asym_id 
_atom_site.auth_atom_id 
_atom_site.pdbx_PDB_model_num 
ATOM 1   N N    . THR A 1 1  ? 2.149  6.524   11.411  1.00 3.93 ? 3  THR A N    1 
ATOM 2   C CA   . THR A 1 1  ? 2.885  7.152   10.320  1.00 3.58 ? 3  THR A CA   1 
ATOM 3   C C    . THR A 1 1  ? 3.927  6.189   9.768   1.00 3.32 ? 3  THR A C    1 
ATOM 4   O O    . THR A 1 1  ? 5.115  6.301   10.071  1.00 3.84 ? 3  THR A O    1 
ATOM 5   C CB   . THR A 1 1  ? 3.560  8.437   10.802  1.00 4.27 ? 3  THR A CB   1 
ATOM 6   O OG1  . THR A 1 1  ? 4.470  8.161   11.853  1.00 4.68 ? 3  THR A OG1  1 
ATOM 7   C CG2  . THR A 1 1  ? 2.582  9.477   11.302  1.00 4.93 ? 3  THR A CG2  1 
ATOM 8   H H1   . THR A 1 1  ? 2.479  6.621   12.328  1.00 4.34 ? 3  THR A H1   1 
ATOM 9   H HA   . THR A 1 1  ? 2.180  7.392   9.539   1.00 3.43 ? 3  THR A HA   1 
ATOM 10  H HB   . THR A 1 1  ? 4.112  8.870   9.981   1.00 4.44 ? 3  THR A HB   1 
ATOM 11  H HG1  . THR A 1 1  ? 3.982  7.900   12.638  1.00 4.94 ? 3  THR A HG1  1 
ATOM 12  H HG21 . THR A 1 1  ? 1.849  9.005   11.940  1.00 5.36 ? 3  THR A HG21 1 
ATOM 13  H HG22 . THR A 1 1  ? 2.083  9.937   10.461  1.00 5.22 ? 3  THR A HG22 1 
ATOM 14  H HG23 . THR A 1 1  ? 3.114  10.231  11.862  1.00 5.09 ? 3  THR A HG23 1 
ATOM 15  N N    . ARG A 1 2  ? 3.472  5.229   8.968   1.00 2.99 ? 4  ARG A N    1 
ATOM 16  C CA   . ARG A 1 2  ? 4.363  4.234   8.393   1.00 3.28 ? 4  ARG A CA   1 
ATOM 17  C C    . ARG A 1 2  ? 4.073  4.018   6.905   1.00 2.74 ? 4  ARG A C    1 
ATOM 18  O O    . ARG A 1 2  ? 4.964  4.166   6.068   1.00 2.85 ? 4  ARG A O    1 
ATOM 19  C CB   . ARG A 1 2  ? 4.253  2.930   9.204   1.00 4.04 ? 4  ARG A CB   1 
ATOM 20  C CG   . ARG A 1 2  ? 3.677  1.726   8.467   1.00 4.34 ? 4  ARG A CG   1 
ATOM 21  C CD   . ARG A 1 2  ? 2.193  1.552   8.759   1.00 4.60 ? 4  ARG A CD   1 
ATOM 22  N NE   . ARG A 1 2  ? 1.863  0.175   9.116   1.00 5.44 ? 4  ARG A NE   1 
ATOM 23  C CZ   . ARG A 1 2  ? 0.663  -0.213  9.542   1.00 6.23 ? 4  ARG A CZ   1 
ATOM 24  N NH1  . ARG A 1 2  ? -0.321 0.669   9.669   1.00 6.40 ? 4  ARG A NH1  1 
ATOM 25  N NH2  . ARG A 1 2  ? 0.446  -1.486  9.842   1.00 7.12 ? 4  ARG A NH2  1 
ATOM 26  H H    . ARG A 1 2  ? 2.514  5.181   8.775   1.00 2.94 ? 4  ARG A H    1 
ATOM 27  H HA   . ARG A 1 2  ? 5.369  4.608   8.488   1.00 3.78 ? 4  ARG A HA   1 
ATOM 28  H HB2  . ARG A 1 2  ? 5.242  2.660   9.551   1.00 4.44 ? 4  ARG A HB2  1 
ATOM 29  H HB3  . ARG A 1 2  ? 3.622  3.127   10.065  1.00 4.50 ? 4  ARG A HB3  1 
ATOM 30  H HG2  . ARG A 1 2  ? 3.817  1.850   7.406   1.00 4.71 ? 4  ARG A HG2  1 
ATOM 31  H HG3  . ARG A 1 2  ? 4.202  0.842   8.794   1.00 4.54 ? 4  ARG A HG3  1 
ATOM 32  H HD2  . ARG A 1 2  ? 1.922  2.201   9.583   1.00 4.63 ? 4  ARG A HD2  1 
ATOM 33  H HD3  . ARG A 1 2  ? 1.631  1.829   7.877   1.00 4.57 ? 4  ARG A HD3  1 
ATOM 34  H HE   . ARG A 1 2  ? 2.572  -0.497  9.034   1.00 5.63 ? 4  ARG A HE   1 
ATOM 35  H HH11 . ARG A 1 2  ? -0.164 1.631   9.445   1.00 5.93 ? 4  ARG A HH11 1 
ATOM 36  H HH12 . ARG A 1 2  ? -1.220 0.372   9.990   1.00 7.17 ? 4  ARG A HH12 1 
ATOM 37  H HH21 . ARG A 1 2  ? 1.183  -2.155  9.748   1.00 7.25 ? 4  ARG A HH21 1 
ATOM 38  H HH22 . ARG A 1 2  ? -0.456 -1.778  10.162  1.00 7.79 ? 4  ARG A HH22 1 
ATOM 39  N N    . LYS A 1 3  ? 2.829  3.670   6.582   1.00 2.65 ? 5  LYS A N    1 
ATOM 40  C CA   . LYS A 1 3  ? 2.435  3.437   5.191   1.00 2.27 ? 5  LYS A CA   1 
ATOM 41  C C    . LYS A 1 3  ? 1.060  2.777   5.114   1.00 2.02 ? 5  LYS A C    1 
ATOM 42  O O    . LYS A 1 3  ? 0.430  2.504   6.135   1.00 2.31 ? 5  LYS A O    1 
ATOM 43  C CB   . LYS A 1 3  ? 3.469  2.558   4.475   1.00 2.46 ? 5  LYS A CB   1 
ATOM 44  C CG   . LYS A 1 3  ? 4.212  3.278   3.362   1.00 2.72 ? 5  LYS A CG   1 
ATOM 45  C CD   . LYS A 1 3  ? 4.596  2.321   2.244   1.00 2.97 ? 5  LYS A CD   1 
ATOM 46  C CE   . LYS A 1 3  ? 4.927  3.067   0.961   1.00 3.59 ? 5  LYS A CE   1 
ATOM 47  N NZ   . LYS A 1 3  ? 6.332  3.555   0.948   1.00 4.32 ? 5  LYS A NZ   1 
ATOM 48  H H    . LYS A 1 3  ? 2.162  3.569   7.291   1.00 3.15 ? 5  LYS A H    1 
ATOM 49  H HA   . LYS A 1 3  ? 2.388  4.395   4.697   1.00 2.39 ? 5  LYS A HA   1 
ATOM 50  H HB2  . LYS A 1 3  ? 4.194  2.214   5.198   1.00 2.92 ? 5  LYS A HB2  1 
ATOM 51  H HB3  . LYS A 1 3  ? 2.966  1.702   4.049   1.00 2.50 ? 5  LYS A HB3  1 
ATOM 52  H HG2  . LYS A 1 3  ? 3.572  4.052   2.955   1.00 2.85 ? 5  LYS A HG2  1 
ATOM 53  H HG3  . LYS A 1 3  ? 5.113  3.721   3.771   1.00 3.28 ? 5  LYS A HG3  1 
ATOM 54  H HD2  . LYS A 1 3  ? 5.462  1.754   2.552   1.00 3.33 ? 5  LYS A HD2  1 
ATOM 55  H HD3  . LYS A 1 3  ? 3.771  1.650   2.058   1.00 3.03 ? 5  LYS A HD3  1 
ATOM 56  H HE2  . LYS A 1 3  ? 4.779  2.401   0.125   1.00 3.88 ? 5  LYS A HE2  1 
ATOM 57  H HE3  . LYS A 1 3  ? 4.260  3.912   0.869   1.00 3.79 ? 5  LYS A HE3  1 
ATOM 58  H HZ1  . LYS A 1 3  ? 6.553  3.983   0.027   1.00 4.63 ? 5  LYS A HZ1  1 
ATOM 59  H HZ2  . LYS A 1 3  ? 6.987  2.765   1.116   1.00 4.55 ? 5  LYS A HZ2  1 
ATOM 60  H HZ3  . LYS A 1 3  ? 6.471  4.269   1.692   1.00 4.74 ? 5  LYS A HZ3  1 
ATOM 61  N N    . SER A 1 4  ? 0.607  2.522   3.891   1.00 1.83 ? 6  SER A N    1 
ATOM 62  C CA   . SER A 1 4  ? -0.687 1.890   3.666   1.00 1.77 ? 6  SER A CA   1 
ATOM 63  C C    . SER A 1 4  ? -0.658 1.053   2.392   1.00 1.35 ? 6  SER A C    1 
ATOM 64  O O    . SER A 1 4  ? -1.079 1.508   1.328   1.00 1.41 ? 6  SER A O    1 
ATOM 65  C CB   . SER A 1 4  ? -1.788 2.949   3.571   1.00 2.25 ? 6  SER A CB   1 
ATOM 66  O OG   . SER A 1 4  ? -2.387 3.177   4.835   1.00 2.84 ? 6  SER A OG   1 
ATOM 67  H H    . SER A 1 4  ? 1.160  2.763   3.118   1.00 2.01 ? 6  SER A H    1 
ATOM 68  H HA   . SER A 1 4  ? -0.892 1.242   4.505   1.00 2.05 ? 6  SER A HA   1 
ATOM 69  H HB2  . SER A 1 4  ? -1.363 3.876   3.216   1.00 2.57 ? 6  SER A HB2  1 
ATOM 70  H HB3  . SER A 1 4  ? -2.549 2.613   2.881   1.00 2.53 ? 6  SER A HB3  1 
ATOM 71  H HG   . SER A 1 4  ? -3.189 3.692   4.721   1.00 3.11 ? 6  SER A HG   1 
ATOM 72  N N    . ILE A 1 5  ? -0.149 -0.169  2.505   1.00 1.45 ? 7  ILE A N    1 
ATOM 73  C CA   . ILE A 1 5  ? -0.056 -1.065  1.358   1.00 1.61 ? 7  ILE A CA   1 
ATOM 74  C C    . ILE A 1 5  ? -1.159 -2.115  1.380   1.00 1.99 ? 7  ILE A C    1 
ATOM 75  O O    . ILE A 1 5  ? -1.302 -2.866  2.344   1.00 2.55 ? 7  ILE A O    1 
ATOM 76  C CB   . ILE A 1 5  ? 1.317  -1.765  1.302   1.00 2.16 ? 7  ILE A CB   1 
ATOM 77  C CG1  . ILE A 1 5  ? 2.442  -0.728  1.348   1.00 2.13 ? 7  ILE A CG1  1 
ATOM 78  C CG2  . ILE A 1 5  ? 1.430  -2.621  0.049   1.00 2.64 ? 7  ILE A CG2  1 
ATOM 79  C CD1  . ILE A 1 5  ? 2.352  0.310   0.251   1.00 2.37 ? 7  ILE A CD1  1 
ATOM 80  H H    . ILE A 1 5  ? 0.177  -0.474  3.377   1.00 1.76 ? 7  ILE A H    1 
ATOM 81  H HA   . ILE A 1 5  ? -0.168 -0.473  0.466   1.00 1.45 ? 7  ILE A HA   1 
ATOM 82  H HB   . ILE A 1 5  ? 1.400  -2.415  2.160   1.00 2.51 ? 7  ILE A HB   1 
ATOM 83  H HG12 . ILE A 1 5  ? 2.410  -0.213  2.295   1.00 2.22 ? 7  ILE A HG12 1 
ATOM 84  H HG13 . ILE A 1 5  ? 3.392  -1.233  1.250   1.00 2.53 ? 7  ILE A HG13 1 
ATOM 85  H HG21 . ILE A 1 5  ? 0.984  -2.099  -0.785  1.00 3.03 ? 7  ILE A HG21 1 
ATOM 86  H HG22 . ILE A 1 5  ? 0.915  -3.557  0.205   1.00 2.82 ? 7  ILE A HG22 1 
ATOM 87  H HG23 . ILE A 1 5  ? 2.471  -2.814  -0.162  1.00 3.00 ? 7  ILE A HG23 1 
ATOM 88  H HD11 . ILE A 1 5  ? 3.348  0.584   -0.068  1.00 2.86 ? 7  ILE A HD11 1 
ATOM 89  H HD12 . ILE A 1 5  ? 1.841  1.185   0.625   1.00 2.64 ? 7  ILE A HD12 1 
ATOM 90  H HD13 . ILE A 1 5  ? 1.805  -0.097  -0.586  1.00 2.64 ? 7  ILE A HD13 1 
ATOM 91  N N    . HIS A 1 6  ? -1.934 -2.159  0.301   1.00 1.91 ? 8  HIS A N    1 
ATOM 92  C CA   . HIS A 1 6  ? -3.028 -3.118  0.182   1.00 2.41 ? 8  HIS A CA   1 
ATOM 93  C C    . HIS A 1 6  ? -2.838 -4.006  -1.044  1.00 2.64 ? 8  HIS A C    1 
ATOM 94  O O    . HIS A 1 6  ? -3.556 -3.877  -2.036  1.00 2.57 ? 8  HIS A O    1 
ATOM 95  C CB   . HIS A 1 6  ? -4.370 -2.386  0.097   1.00 2.47 ? 8  HIS A CB   1 
ATOM 96  C CG   . HIS A 1 6  ? -5.061 -2.251  1.419   1.00 2.86 ? 8  HIS A CG   1 
ATOM 97  N ND1  . HIS A 1 6  ? -6.391 -2.562  1.607   1.00 3.36 ? 8  HIS A ND1  1 
ATOM 98  C CD2  . HIS A 1 6  ? -4.599 -1.836  2.622   1.00 3.40 ? 8  HIS A CD2  1 
ATOM 99  C CE1  . HIS A 1 6  ? -6.718 -2.343  2.870   1.00 3.92 ? 8  HIS A CE1  1 
ATOM 100 N NE2  . HIS A 1 6  ? -5.649 -1.904  3.505   1.00 3.97 ? 8  HIS A NE2  1 
ATOM 101 H H    . HIS A 1 6  ? -1.763 -1.531  -0.436  1.00 1.65 ? 8  HIS A H    1 
ATOM 102 H HA   . HIS A 1 6  ? -3.022 -3.739  1.065   1.00 2.82 ? 8  HIS A HA   1 
ATOM 103 H HB2  . HIS A 1 6  ? -4.206 -1.393  -0.294  1.00 2.41 ? 8  HIS A HB2  1 
ATOM 104 H HB3  . HIS A 1 6  ? -5.026 -2.927  -0.568  1.00 2.81 ? 8  HIS A HB3  1 
ATOM 105 H HD1  . HIS A 1 6  ? -7.005 -2.893  0.919   1.00 3.62 ? 8  HIS A HD1  1 
ATOM 106 H HD2  . HIS A 1 6  ? -3.592 -1.512  2.846   1.00 3.71 ? 8  HIS A HD2  1 
ATOM 107 H HE1  . HIS A 1 6  ? -7.693 -2.500  3.305   1.00 4.54 ? 8  HIS A HE1  1 
ATOM 108 H HE2  . HIS A 1 6  ? -5.632 -1.591  4.434   1.00 4.57 ? 8  HIS A HE2  1 
ATOM 109 N N    . ILE A 1 7  ? -1.862 -4.906  -0.969  1.00 3.12 ? 9  ILE A N    1 
ATOM 110 C CA   . ILE A 1 7  ? -1.574 -5.815  -2.071  1.00 3.52 ? 9  ILE A CA   1 
ATOM 111 C C    . ILE A 1 7  ? -2.165 -7.197  -1.815  1.00 4.12 ? 9  ILE A C    1 
ATOM 112 O O    . ILE A 1 7  ? -2.096 -7.715  -0.699  1.00 4.45 ? 9  ILE A O    1 
ATOM 113 C CB   . ILE A 1 7  ? -0.058 -5.954  -2.304  1.00 3.76 ? 9  ILE A CB   1 
ATOM 114 C CG1  . ILE A 1 7  ? 0.598  -4.575  -2.382  1.00 3.43 ? 9  ILE A CG1  1 
ATOM 115 C CG2  . ILE A 1 7  ? 0.214  -6.747  -3.574  1.00 4.20 ? 9  ILE A CG2  1 
ATOM 116 C CD1  . ILE A 1 7  ? 2.090  -4.601  -2.125  1.00 3.55 ? 9  ILE A CD1  1 
ATOM 117 H H    . ILE A 1 7  ? -1.323 -4.959  -0.153  1.00 3.31 ? 9  ILE A H    1 
ATOM 118 H HA   . ILE A 1 7  ? -2.020 -5.406  -2.966  1.00 3.37 ? 9  ILE A HA   1 
ATOM 119 H HB   . ILE A 1 7  ? 0.362  -6.499  -1.472  1.00 4.17 ? 9  ILE A HB   1 
ATOM 120 H HG12 . ILE A 1 7  ? 0.441  -4.163  -3.367  1.00 3.46 ? 9  ILE A HG12 1 
ATOM 121 H HG13 . ILE A 1 7  ? 0.145  -3.925  -1.648  1.00 3.65 ? 9  ILE A HG13 1 
ATOM 122 H HG21 . ILE A 1 7  ? -0.651 -7.348  -3.816  1.00 4.63 ? 9  ILE A HG21 1 
ATOM 123 H HG22 . ILE A 1 7  ? 1.067  -7.391  -3.420  1.00 4.41 ? 9  ILE A HG22 1 
ATOM 124 H HG23 . ILE A 1 7  ? 0.419  -6.066  -4.387  1.00 4.29 ? 9  ILE A HG23 1 
ATOM 125 H HD11 . ILE A 1 7  ? 2.284  -5.099  -1.187  1.00 3.89 ? 9  ILE A HD11 1 
ATOM 126 H HD12 . ILE A 1 7  ? 2.465  -3.590  -2.080  1.00 3.67 ? 9  ILE A HD12 1 
ATOM 127 H HD13 . ILE A 1 7  ? 2.584  -5.134  -2.924  1.00 3.78 ? 9  ILE A HD13 1 
ATOM 128 N N    . GLY A 1 8  ? -2.742 -7.790  -2.854  1.00 4.39 ? 10 GLY A N    1 
ATOM 129 C CA   . GLY A 1 8  ? -3.335 -9.109  -2.723  1.00 5.01 ? 10 GLY A CA   1 
ATOM 130 C C    . GLY A 1 8  ? -2.759 -10.100 -3.716  1.00 5.51 ? 10 GLY A C    1 
ATOM 131 O O    . GLY A 1 8  ? -1.739 -10.734 -3.442  1.00 5.69 ? 10 GLY A O    1 
ATOM 132 H H    . GLY A 1 8  ? -2.766 -7.329  -3.719  1.00 4.25 ? 10 GLY A H    1 
ATOM 133 H HA2  . GLY A 1 8  ? -3.156 -9.474  -1.721  1.00 5.21 ? 10 GLY A HA2  1 
ATOM 134 H HA3  . GLY A 1 8  ? -4.399 -9.031  -2.882  1.00 5.05 ? 10 GLY A HA3  1 
ATOM 135 N N    . PRO A 1 9  ? -3.393 -10.258 -4.891  1.00 5.89 ? 11 PRO A N    1 
ATOM 136 C CA   . PRO A 1 9  ? -2.921 -11.188 -5.923  1.00 6.45 ? 11 PRO A CA   1 
ATOM 137 C C    . PRO A 1 9  ? -1.472 -10.926 -6.319  1.00 6.38 ? 11 PRO A C    1 
ATOM 138 O O    . PRO A 1 9  ? -0.781 -11.816 -6.813  1.00 6.84 ? 11 PRO A O    1 
ATOM 139 C CB   . PRO A 1 9  ? -3.854 -10.918 -7.107  1.00 6.82 ? 11 PRO A CB   1 
ATOM 140 C CG   . PRO A 1 9  ? -5.079 -10.326 -6.502  1.00 6.62 ? 11 PRO A CG   1 
ATOM 141 C CD   . PRO A 1 9  ? -4.614 -9.545  -5.306  1.00 5.96 ? 11 PRO A CD   1 
ATOM 142 H HA   . PRO A 1 9  ? -3.024 -12.214 -5.607  1.00 6.83 ? 11 PRO A HA   1 
ATOM 143 H HB2  . PRO A 1 9  ? -3.380 -10.231 -7.793  1.00 6.90 ? 11 PRO A HB2  1 
ATOM 144 H HB3  . PRO A 1 9  ? -4.074 -11.846 -7.614  1.00 7.27 ? 11 PRO A HB3  1 
ATOM 145 H HG2  . PRO A 1 9  ? -5.560 -9.671  -7.214  1.00 6.70 ? 11 PRO A HG2  1 
ATOM 146 H HG3  . PRO A 1 9  ? -5.755 -11.111 -6.197  1.00 7.01 ? 11 PRO A HG3  1 
ATOM 147 H HD2  . PRO A 1 9  ? -4.390 -8.525  -5.584  1.00 5.61 ? 11 PRO A HD2  1 
ATOM 148 H HD3  . PRO A 1 9  ? -5.359 -9.570  -4.526  1.00 6.07 ? 11 PRO A HD3  1 
ATOM 149 N N    . GLY A 1 10 ? -1.018 -9.695  -6.096  1.00 6.03 ? 12 GLY A N    1 
ATOM 150 C CA   . GLY A 1 10 ? 0.347  -9.334  -6.434  1.00 6.12 ? 12 GLY A CA   1 
ATOM 151 C C    . GLY A 1 10 ? 0.424  -8.362  -7.597  1.00 5.97 ? 12 GLY A C    1 
ATOM 152 O O    . GLY A 1 10 ? 1.500  -8.132  -8.150  1.00 6.46 ? 12 GLY A O    1 
ATOM 153 H H    . GLY A 1 10 ? -1.615 -9.029  -5.700  1.00 5.88 ? 12 GLY A H    1 
ATOM 154 H HA2  . GLY A 1 10 ? 0.811  -8.881  -5.570  1.00 6.42 ? 12 GLY A HA2  1 
ATOM 155 H HA3  . GLY A 1 10 ? 0.891  -10.230 -6.693  1.00 6.33 ? 12 GLY A HA3  1 
ATOM 156 N N    . ARG A 1 11 ? -0.717 -7.789  -7.971  1.00 5.53 ? 13 ARG A N    1 
ATOM 157 C CA   . ARG A 1 11 ? -0.769 -6.838  -9.078  1.00 5.65 ? 13 ARG A CA   1 
ATOM 158 C C    . ARG A 1 11 ? -1.165 -5.446  -8.591  1.00 5.06 ? 13 ARG A C    1 
ATOM 159 O O    . ARG A 1 11 ? -0.822 -4.441  -9.214  1.00 5.25 ? 13 ARG A O    1 
ATOM 160 C CB   . ARG A 1 11 ? -1.756 -7.319  -10.142 1.00 6.39 ? 13 ARG A CB   1 
ATOM 161 C CG   . ARG A 1 11 ? -1.309 -8.581  -10.863 1.00 6.83 ? 13 ARG A CG   1 
ATOM 162 C CD   . ARG A 1 11 ? -2.465 -9.254  -11.586 1.00 7.57 ? 13 ARG A CD   1 
ATOM 163 N NE   . ARG A 1 11 ? -2.172 -9.478  -12.999 1.00 7.97 ? 13 ARG A NE   1 
ATOM 164 C CZ   . ARG A 1 11 ? -2.189 -8.518  -13.921 1.00 8.60 ? 13 ARG A CZ   1 
ATOM 165 N NH1  . ARG A 1 11 ? -2.480 -7.268  -13.582 1.00 8.90 ? 13 ARG A NH1  1 
ATOM 166 N NH2  . ARG A 1 11 ? -1.914 -8.807  -15.186 1.00 9.16 ? 13 ARG A NH2  1 
ATOM 167 H H    . ARG A 1 11 ? -1.544 -8.011  -7.496  1.00 5.31 ? 13 ARG A H    1 
ATOM 168 H HA   . ARG A 1 11 ? 0.218  -6.786  -9.514  1.00 5.91 ? 13 ARG A HA   1 
ATOM 169 H HB2  . ARG A 1 11 ? -2.707 -7.517  -9.672  1.00 6.72 ? 13 ARG A HB2  1 
ATOM 170 H HB3  . ARG A 1 11 ? -1.884 -6.538  -10.877 1.00 6.64 ? 13 ARG A HB3  1 
ATOM 171 H HG2  . ARG A 1 11 ? -0.549 -8.322  -11.585 1.00 6.88 ? 13 ARG A HG2  1 
ATOM 172 H HG3  . ARG A 1 11 ? -0.898 -9.270  -10.139 1.00 6.91 ? 13 ARG A HG3  1 
ATOM 173 H HD2  . ARG A 1 11 ? -2.662 -10.207 -11.115 1.00 7.85 ? 13 ARG A HD2  1 
ATOM 174 H HD3  . ARG A 1 11 ? -3.340 -8.626  -11.504 1.00 7.82 ? 13 ARG A HD3  1 
ATOM 175 H HE   . ARG A 1 11 ? -1.951 -10.392 -13.277 1.00 7.96 ? 13 ARG A HE   1 
ATOM 176 H HH11 . ARG A 1 11 ? -2.688 -7.042  -12.630 1.00 8.66 ? 13 ARG A HH11 1 
ATOM 177 H HH12 . ARG A 1 11 ? -2.491 -6.551  -14.279 1.00 9.52 ? 13 ARG A HH12 1 
ATOM 178 H HH21 . ARG A 1 11 ? -1.693 -9.747  -15.447 1.00 9.13 ? 13 ARG A HH21 1 
ATOM 179 H HH22 . ARG A 1 11 ? -1.928 -8.085  -15.878 1.00 9.74 ? 13 ARG A HH22 1 
ATOM 180 N N    . ALA A 1 12 ? -1.891 -5.393  -7.477  1.00 4.51 ? 14 ALA A N    1 
ATOM 181 C CA   . ALA A 1 12 ? -2.332 -4.122  -6.914  1.00 4.01 ? 14 ALA A CA   1 
ATOM 182 C C    . ALA A 1 12 ? -1.307 -3.568  -5.930  1.00 3.67 ? 14 ALA A C    1 
ATOM 183 O O    . ALA A 1 12 ? -1.328 -3.900  -4.744  1.00 3.60 ? 14 ALA A O    1 
ATOM 184 C CB   . ALA A 1 12 ? -3.683 -4.291  -6.233  1.00 3.74 ? 14 ALA A CB   1 
ATOM 185 H H    . ALA A 1 12 ? -2.137 -6.226  -7.025  1.00 4.56 ? 14 ALA A H    1 
ATOM 186 H HA   . ALA A 1 12 ? -2.452 -3.421  -7.727  1.00 4.27 ? 14 ALA A HA   1 
ATOM 187 H HB1  . ALA A 1 12 ? -3.542 -4.747  -5.264  1.00 3.96 ? 14 ALA A HB1  1 
ATOM 188 H HB2  . ALA A 1 12 ? -4.316 -4.922  -6.839  1.00 3.75 ? 14 ALA A HB2  1 
ATOM 189 H HB3  . ALA A 1 12 ? -4.148 -3.324  -6.111  1.00 3.79 ? 14 ALA A HB3  1 
ATOM 190 N N    . PHE A 1 13 ? -0.412 -2.721  -6.429  1.00 3.66 ? 15 PHE A N    1 
ATOM 191 C CA   . PHE A 1 13 ? 0.621  -2.119  -5.594  1.00 3.44 ? 15 PHE A CA   1 
ATOM 192 C C    . PHE A 1 13 ? 0.226  -0.706  -5.176  1.00 3.12 ? 15 PHE A C    1 
ATOM 193 O O    . PHE A 1 13 ? 0.690  0.276   -5.755  1.00 3.52 ? 15 PHE A O    1 
ATOM 194 C CB   . PHE A 1 13 ? 1.956  -2.087  -6.341  1.00 4.05 ? 15 PHE A CB   1 
ATOM 195 C CG   . PHE A 1 13 ? 3.147  -2.294  -5.450  1.00 4.14 ? 15 PHE A CG   1 
ATOM 196 C CD1  . PHE A 1 13 ? 3.260  -1.609  -4.250  1.00 3.72 ? 15 PHE A CD1  1 
ATOM 197 C CD2  . PHE A 1 13 ? 4.156  -3.172  -5.813  1.00 4.84 ? 15 PHE A CD2  1 
ATOM 198 C CE1  . PHE A 1 13 ? 4.355  -1.797  -3.429  1.00 4.04 ? 15 PHE A CE1  1 
ATOM 199 C CE2  . PHE A 1 13 ? 5.254  -3.364  -4.996  1.00 5.13 ? 15 PHE A CE2  1 
ATOM 200 C CZ   . PHE A 1 13 ? 5.354  -2.676  -3.803  1.00 4.75 ? 15 PHE A CZ   1 
ATOM 201 H H    . PHE A 1 13 ? -0.448 -2.495  -7.381  1.00 3.91 ? 15 PHE A H    1 
ATOM 202 H HA   . PHE A 1 13 ? 0.728  -2.726  -4.708  1.00 3.22 ? 15 PHE A HA   1 
ATOM 203 H HB2  . PHE A 1 13 ? 1.961  -2.867  -7.088  1.00 4.50 ? 15 PHE A HB2  1 
ATOM 204 H HB3  . PHE A 1 13 ? 2.066  -1.130  -6.828  1.00 4.18 ? 15 PHE A HB3  1 
ATOM 205 H HD1  . PHE A 1 13 ? 2.479  -0.923  -3.958  1.00 3.28 ? 15 PHE A HD1  1 
ATOM 206 H HD2  . PHE A 1 13 ? 4.079  -3.712  -6.746  1.00 5.25 ? 15 PHE A HD2  1 
ATOM 207 H HE1  . PHE A 1 13 ? 4.431  -1.258  -2.497  1.00 3.87 ? 15 PHE A HE1  1 
ATOM 208 H HE2  . PHE A 1 13 ? 6.033  -4.052  -5.290  1.00 5.74 ? 15 PHE A HE2  1 
ATOM 209 H HZ   . PHE A 1 13 ? 6.211  -2.825  -3.162  1.00 5.11 ? 15 PHE A HZ   1 
ATOM 210 N N    . TYR A 1 14 ? -0.635 -0.610  -4.168  1.00 2.59 ? 16 TYR A N    1 
ATOM 211 C CA   . TYR A 1 14 ? -1.093 0.684   -3.675  1.00 2.48 ? 16 TYR A CA   1 
ATOM 212 C C    . TYR A 1 14 ? -0.181 1.202   -2.568  1.00 2.22 ? 16 TYR A C    1 
ATOM 213 O O    . TYR A 1 14 ? -0.189 0.682   -1.450  1.00 1.82 ? 16 TYR A O    1 
ATOM 214 C CB   . TYR A 1 14 ? -2.530 0.579   -3.160  1.00 2.40 ? 16 TYR A CB   1 
ATOM 215 C CG   . TYR A 1 14 ? -3.569 0.626   -4.258  1.00 3.03 ? 16 TYR A CG   1 
ATOM 216 C CD1  . TYR A 1 14 ? -3.478 -0.211  -5.362  1.00 3.24 ? 16 TYR A CD1  1 
ATOM 217 C CD2  . TYR A 1 14 ? -4.640 1.508   -4.188  1.00 3.77 ? 16 TYR A CD2  1 
ATOM 218 C CE1  . TYR A 1 14 ? -4.426 -0.171  -6.367  1.00 3.84 ? 16 TYR A CE1  1 
ATOM 219 C CE2  . TYR A 1 14 ? -5.592 1.553   -5.189  1.00 4.44 ? 16 TYR A CE2  1 
ATOM 220 C CZ   . TYR A 1 14 ? -5.480 0.712   -6.276  1.00 4.36 ? 16 TYR A CZ   1 
ATOM 221 O OH   . TYR A 1 14 ? -6.426 0.754   -7.275  1.00 5.05 ? 16 TYR A OH   1 
ATOM 222 H H    . TYR A 1 14 ? -0.972 -1.428  -3.747  1.00 2.44 ? 16 TYR A H    1 
ATOM 223 H HA   . TYR A 1 14 ? -1.067 1.380   -4.500  1.00 2.92 ? 16 TYR A HA   1 
ATOM 224 H HB2  . TYR A 1 14 ? -2.648 -0.359  -2.631  1.00 2.11 ? 16 TYR A HB2  1 
ATOM 225 H HB3  . TYR A 1 14 ? -2.723 1.404   -2.483  1.00 2.50 ? 16 TYR A HB3  1 
ATOM 226 H HD1  . TYR A 1 14 ? -2.651 -0.903  -5.430  1.00 3.20 ? 16 TYR A HD1  1 
ATOM 227 H HD2  . TYR A 1 14 ? -4.725 2.166   -3.335  1.00 3.99 ? 16 TYR A HD2  1 
ATOM 228 H HE1  . TYR A 1 14 ? -4.338 -0.831  -7.218  1.00 4.11 ? 16 TYR A HE1  1 
ATOM 229 H HE2  . TYR A 1 14 ? -6.418 2.245   -5.118  1.00 5.16 ? 16 TYR A HE2  1 
ATOM 230 H HH   . TYR A 1 14 ? -6.617 -0.138  -7.573  1.00 5.24 ? 16 TYR A HH   1 
ATOM 231 N N    . THR A 1 15 ? 0.604  2.229   -2.891  1.00 2.65 ? 17 THR A N    1 
ATOM 232 C CA   . THR A 1 15 ? 1.527  2.828   -1.931  1.00 2.64 ? 17 THR A CA   1 
ATOM 233 C C    . THR A 1 15 ? 1.132  4.268   -1.623  1.00 3.04 ? 17 THR A C    1 
ATOM 234 O O    . THR A 1 15 ? 1.408  5.181   -2.401  1.00 3.67 ? 17 THR A O    1 
ATOM 235 C CB   . THR A 1 15 ? 2.961  2.776   -2.465  1.00 3.09 ? 17 THR A CB   1 
ATOM 236 O OG1  . THR A 1 15 ? 3.192  3.818   -3.395  1.00 3.72 ? 17 THR A OG1  1 
ATOM 237 C CG2  . THR A 1 15 ? 3.301  1.469   -3.147  1.00 3.16 ? 17 THR A CG2  1 
ATOM 238 H H    . THR A 1 15 ? 0.559  2.595   -3.799  1.00 3.08 ? 17 THR A H    1 
ATOM 239 H HA   . THR A 1 15 ? 1.475  2.257   -1.021  1.00 2.27 ? 17 THR A HA   1 
ATOM 240 H HB   . THR A 1 15 ? 3.645  2.902   -1.637  1.00 3.12 ? 17 THR A HB   1 
ATOM 241 H HG1  . THR A 1 15 ? 4.037  4.232   -3.209  1.00 4.00 ? 17 THR A HG1  1 
ATOM 242 H HG21 . THR A 1 15 ? 2.992  0.645   -2.521  1.00 3.36 ? 17 THR A HG21 1 
ATOM 243 H HG22 . THR A 1 15 ? 4.367  1.414   -3.313  1.00 3.36 ? 17 THR A HG22 1 
ATOM 244 H HG23 . THR A 1 15 ? 2.786  1.412   -4.095  1.00 3.36 ? 17 THR A HG23 1 
ATOM 245 N N    . THR A 1 16 ? 0.479  4.463   -0.480  1.00 2.86 ? 18 THR A N    1 
ATOM 246 C CA   . THR A 1 16 ? 0.041  5.791   -0.065  1.00 3.43 ? 18 THR A CA   1 
ATOM 247 C C    . THR A 1 16 ? 0.743  6.219   1.220   1.00 3.52 ? 18 THR A C    1 
ATOM 248 O O    . THR A 1 16 ? 0.870  5.434   2.160   1.00 3.23 ? 18 THR A O    1 
ATOM 249 C CB   . THR A 1 16 ? -1.474 5.810   0.137   1.00 3.55 ? 18 THR A CB   1 
ATOM 250 O OG1  . THR A 1 16 ? -1.860 4.876   1.130   1.00 3.50 ? 18 THR A OG1  1 
ATOM 251 C CG2  . THR A 1 16 ? -2.249 5.488   -1.123  1.00 3.69 ? 18 THR A CG2  1 
ATOM 252 H H    . THR A 1 16 ? 0.286  3.694   0.097   1.00 2.47 ? 18 THR A H    1 
ATOM 253 H HA   . THR A 1 16 ? 0.300  6.485   -0.851  1.00 3.92 ? 18 THR A HA   1 
ATOM 254 H HB   . THR A 1 16 ? -1.771 6.796   0.465   1.00 4.00 ? 18 THR A HB   1 
ATOM 255 H HG1  . THR A 1 16 ? -1.720 3.984   0.802   1.00 3.55 ? 18 THR A HG1  1 
ATOM 256 H HG21 . THR A 1 16 ? -1.886 4.562   -1.542  1.00 3.81 ? 18 THR A HG21 1 
ATOM 257 H HG22 . THR A 1 16 ? -2.117 6.285   -1.840  1.00 3.88 ? 18 THR A HG22 1 
ATOM 258 H HG23 . THR A 1 16 ? -3.298 5.389   -0.885  1.00 3.99 ? 18 THR A HG23 1 
ATOM 259 N N    . GLY A 1 17 ? 1.197  7.468   1.251   1.00 4.12 ? 19 GLY A N    1 
ATOM 260 C CA   . GLY A 1 17 ? 1.880  7.980   2.425   1.00 4.40 ? 19 GLY A CA   1 
ATOM 261 C C    . GLY A 1 17 ? 0.996  7.981   3.657   1.00 3.89 ? 19 GLY A C    1 
ATOM 262 O O    . GLY A 1 17 ? -0.170 8.368   3.592   1.00 3.85 ? 19 GLY A O    1 
ATOM 263 H H    . GLY A 1 17 ? 1.067  8.047   0.472   1.00 4.45 ? 19 GLY A H    1 
ATOM 264 H HA2  . GLY A 1 17 ? 2.748  7.366   2.620   1.00 4.82 ? 19 GLY A HA2  1 
ATOM 265 H HA3  . GLY A 1 17 ? 2.204  8.991   2.227   1.00 4.85 ? 19 GLY A HA3  1 
ATOM 266 N N    . GLU A 1 18 ? 1.553  7.547   4.783   1.00 3.85 ? 20 GLU A N    1 
ATOM 267 C CA   . GLU A 1 18 ? 0.807  7.499   6.035   1.00 3.66 ? 20 GLU A CA   1 
ATOM 268 C C    . GLU A 1 18 ? 1.002  8.788   6.833   1.00 3.35 ? 20 GLU A C    1 
ATOM 269 O O    . GLU A 1 18 ? 1.377  8.757   8.005   1.00 3.65 ? 20 GLU A O    1 
ATOM 270 C CB   . GLU A 1 18 ? 1.242  6.284   6.864   1.00 4.11 ? 20 GLU A CB   1 
ATOM 271 C CG   . GLU A 1 18 ? 0.135  5.260   7.077   1.00 4.91 ? 20 GLU A CG   1 
ATOM 272 C CD   . GLU A 1 18 ? -1.181 5.887   7.500   1.00 5.70 ? 20 GLU A CD   1 
ATOM 273 O OE1  . GLU A 1 18 ? -1.971 6.266   6.610   1.00 6.10 ? 20 GLU A OE1  1 
ATOM 274 O OE2  . GLU A 1 18 ? -1.423 5.997   8.720   1.00 6.21 ? 20 GLU A OE2  1 
ATOM 275 H H    . GLU A 1 18 ? 2.488  7.252   4.772   1.00 4.19 ? 20 GLU A H    1 
ATOM 276 H HA   . GLU A 1 18 ? -0.240 7.401   5.790   1.00 3.94 ? 20 GLU A HA   1 
ATOM 277 H HB2  . GLU A 1 18 ? 2.059  5.793   6.352   1.00 4.42 ? 20 GLU A HB2  1 
ATOM 278 H HB3  . GLU A 1 18 ? 1.582  6.619   7.837   1.00 4.02 ? 20 GLU A HB3  1 
ATOM 279 H HG2  . GLU A 1 18 ? -0.023 4.725   6.153   1.00 5.27 ? 20 GLU A HG2  1 
ATOM 280 H HG3  . GLU A 1 18 ? 0.451  4.566   7.844   1.00 4.97 ? 20 GLU A HG3  1 
ATOM 281 N N    . ILE A 1 19 ? 0.745  9.919   6.189   1.00 3.34 ? 21 ILE A N    1 
ATOM 282 C CA   . ILE A 1 19 ? 0.890  11.215  6.838   1.00 3.52 ? 21 ILE A CA   1 
ATOM 283 C C    . ILE A 1 19 ? -0.411 11.634  7.514   1.00 3.46 ? 21 ILE A C    1 
ATOM 284 O O    . ILE A 1 19 ? -1.262 12.278  6.900   1.00 3.82 ? 21 ILE A O    1 
ATOM 285 C CB   . ILE A 1 19 ? 1.311  12.306  5.835   1.00 4.37 ? 21 ILE A CB   1 
ATOM 286 C CG1  . ILE A 1 19 ? 2.476  11.816  4.975   1.00 4.93 ? 21 ILE A CG1  1 
ATOM 287 C CG2  . ILE A 1 19 ? 1.690  13.583  6.571   1.00 4.94 ? 21 ILE A CG2  1 
ATOM 288 C CD1  . ILE A 1 19 ? 3.690  11.405  5.779   1.00 5.80 ? 21 ILE A CD1  1 
ATOM 289 H H    . ILE A 1 19 ? 0.448  9.882   5.255   1.00 3.62 ? 21 ILE A H    1 
ATOM 290 H HA   . ILE A 1 19 ? 1.662  11.127  7.589   1.00 3.69 ? 21 ILE A HA   1 
ATOM 291 H HB   . ILE A 1 19 ? 0.467  12.523  5.198   1.00 4.65 ? 21 ILE A HB   1 
ATOM 292 H HG12 . ILE A 1 19 ? 2.155  10.961  4.399   1.00 5.03 ? 21 ILE A HG12 1 
ATOM 293 H HG13 . ILE A 1 19 ? 2.774  12.607  4.301   1.00 5.09 ? 21 ILE A HG13 1 
ATOM 294 H HG21 . ILE A 1 19 ? 0.804  14.179  6.737   1.00 5.23 ? 21 ILE A HG21 1 
ATOM 295 H HG22 . ILE A 1 19 ? 2.395  14.145  5.977   1.00 5.17 ? 21 ILE A HG22 1 
ATOM 296 H HG23 . ILE A 1 19 ? 2.137  13.332  7.520   1.00 5.24 ? 21 ILE A HG23 1 
ATOM 297 H HD11 . ILE A 1 19 ? 3.421  10.608  6.455   1.00 6.18 ? 21 ILE A HD11 1 
ATOM 298 H HD12 . ILE A 1 19 ? 4.051  12.252  6.345   1.00 6.11 ? 21 ILE A HD12 1 
ATOM 299 H HD13 . ILE A 1 19 ? 4.466  11.063  5.110   1.00 6.08 ? 21 ILE A HD13 1 
# 
